data_5DEY
#
_entry.id   5DEY
#
_cell.length_a   61.661
_cell.length_b   81.863
_cell.length_c   65.916
_cell.angle_alpha   90.00
_cell.angle_beta   106.40
_cell.angle_gamma   90.00
#
_symmetry.space_group_name_H-M   'P 1 21 1'
#
loop_
_entity.id
_entity.type
_entity.pdbx_description
1 polymer 'Serine/threonine-protein kinase PAK 1'
2 non-polymer 8-[(trans-5-amino-1,3-dioxan-2-yl)methyl]-6-[2-chloro-4-(6-methylpyridin-2-yl)phenyl]-2-(methylamino)pyrido[2,3-d]pyrimidin-7(8H)-one
3 water water
#
_entity_poly.entity_id   1
_entity_poly.type   'polypeptide(L)'
_entity_poly.pdbx_seq_one_letter_code
;SDEEILEKLRSIVSVGDPKKKYTRFEKIGQGASGTVYTAMDVATGQEVAIKQMNLQQQPKKELIINEILVMRENKNPNIV
NYLDSYLVGDELWVVMEYLAGGSLTDVVTETCMDEGQIAAVCRECLQALEFLHSNQVIHRNIKSDNILLGMDGSVKLTDF
GFCAQITPEQSKRSEMVGTPYWMAPEVVTRKAYGPKVDIWSLGIMAIEMIEGEPPYLNENPLRALYLIATNGTPELQNPE
KLSAIFRDFLNRCLEMDVEKRGSAKELLQHQFLKIAKPLSSLTPLIAAAKEATKNNH
;
_entity_poly.pdbx_strand_id   A,B
#
loop_
_chem_comp.id
_chem_comp.type
_chem_comp.name
_chem_comp.formula
59T non-polymer 8-[(trans-5-amino-1,3-dioxan-2-yl)methyl]-6-[2-chloro-4-(6-methylpyridin-2-yl)phenyl]-2-(methylamino)pyrido[2,3-d]pyrimidin-7(8H)-one 'C25 H25 Cl N6 O3'
#
# COMPACT_ATOMS: atom_id res chain seq x y z
N ASP A 2 -15.32 10.60 2.62
CA ASP A 2 -16.58 10.84 3.32
C ASP A 2 -16.57 10.32 4.74
N GLU A 3 -17.39 10.92 5.59
CA GLU A 3 -17.67 10.39 6.91
C GLU A 3 -19.00 9.65 6.82
N GLU A 4 -19.65 9.79 5.66
CA GLU A 4 -20.86 9.04 5.33
C GLU A 4 -20.51 7.58 5.03
N ILE A 5 -19.46 7.39 4.23
CA ILE A 5 -19.01 6.05 3.90
C ILE A 5 -18.51 5.37 5.18
N LEU A 6 -17.95 6.16 6.09
CA LEU A 6 -17.49 5.62 7.38
C LEU A 6 -18.67 5.15 8.23
N GLU A 7 -19.72 5.95 8.30
CA GLU A 7 -20.89 5.58 9.07
C GLU A 7 -21.61 4.39 8.46
N LYS A 8 -21.55 4.29 7.13
CA LYS A 8 -22.10 3.16 6.41
C LYS A 8 -21.39 1.85 6.83
N LEU A 9 -20.08 1.94 7.06
CA LEU A 9 -19.28 0.82 7.51
C LEU A 9 -19.61 0.44 8.94
N ARG A 10 -19.62 1.43 9.83
CA ARG A 10 -19.97 1.19 11.23
C ARG A 10 -21.35 0.53 11.33
N SER A 11 -22.25 1.00 10.47
CA SER A 11 -23.60 0.47 10.38
C SER A 11 -23.72 -1.07 10.30
N ILE A 12 -22.87 -1.71 9.51
CA ILE A 12 -23.00 -3.14 9.24
C ILE A 12 -22.23 -4.00 10.24
N VAL A 13 -21.47 -3.35 11.12
CA VAL A 13 -20.72 -4.05 12.15
C VAL A 13 -21.42 -3.93 13.51
N SER A 14 -21.32 -4.98 14.34
CA SER A 14 -21.91 -4.94 15.69
C SER A 14 -20.97 -4.30 16.72
N VAL A 15 -21.56 -3.55 17.66
CA VAL A 15 -20.81 -2.93 18.75
C VAL A 15 -20.78 -3.87 19.95
N GLY A 16 -19.61 -4.46 20.20
CA GLY A 16 -19.41 -5.41 21.29
C GLY A 16 -17.93 -5.61 21.56
N ASP A 17 -17.60 -6.27 22.67
CA ASP A 17 -16.20 -6.51 23.04
C ASP A 17 -15.75 -7.90 22.58
N PRO A 18 -14.70 -7.96 21.73
CA PRO A 18 -14.20 -9.25 21.25
C PRO A 18 -13.77 -10.16 22.40
N LYS A 19 -13.28 -9.56 23.48
CA LYS A 19 -12.77 -10.32 24.63
C LYS A 19 -13.88 -11.09 25.34
N LYS A 20 -15.12 -10.68 25.11
CA LYS A 20 -16.28 -11.34 25.70
C LYS A 20 -16.45 -12.78 25.19
N LYS A 21 -15.88 -13.06 24.02
CA LYS A 21 -16.07 -14.35 23.36
C LYS A 21 -14.73 -15.02 23.10
N TYR A 22 -13.73 -14.21 22.78
CA TYR A 22 -12.41 -14.73 22.46
C TYR A 22 -11.37 -14.21 23.45
N THR A 23 -10.46 -15.09 23.84
CA THR A 23 -9.34 -14.73 24.68
C THR A 23 -8.08 -15.29 24.06
N ARG A 24 -6.96 -15.16 24.78
CA ARG A 24 -5.69 -15.71 24.32
C ARG A 24 -5.30 -15.11 22.96
N PHE A 25 -5.13 -13.79 22.92
CA PHE A 25 -4.77 -13.09 21.69
C PHE A 25 -3.27 -13.11 21.44
N GLU A 26 -2.85 -13.60 20.28
CA GLU A 26 -1.42 -13.67 19.99
C GLU A 26 -1.14 -13.20 18.56
N LYS A 27 -0.24 -12.23 18.43
CA LYS A 27 0.05 -11.59 17.15
C LYS A 27 0.93 -12.45 16.27
N ILE A 28 0.50 -12.63 15.03
CA ILE A 28 1.26 -13.41 14.07
C ILE A 28 1.61 -12.60 12.84
N GLY A 29 1.49 -11.28 12.93
CA GLY A 29 1.86 -10.44 11.82
C GLY A 29 1.14 -9.11 11.72
N GLN A 30 1.68 -8.26 10.84
CA GLN A 30 1.15 -6.93 10.60
C GLN A 30 1.24 -6.61 9.11
N GLY A 31 0.10 -6.24 8.52
CA GLY A 31 0.03 -5.92 7.10
C GLY A 31 -0.33 -4.47 6.83
N ALA A 32 -0.28 -4.08 5.56
CA ALA A 32 -0.59 -2.72 5.13
C ALA A 32 -1.96 -2.29 5.64
N SER A 33 -2.89 -3.24 5.64
CA SER A 33 -4.22 -3.03 6.21
C SER A 33 -4.16 -2.90 7.73
N GLY A 34 -4.31 -4.03 8.43
CA GLY A 34 -4.32 -4.02 9.88
C GLY A 34 -3.33 -4.97 10.55
N THR A 35 -3.63 -5.34 11.79
CA THR A 35 -2.80 -6.25 12.58
C THR A 35 -3.52 -7.58 12.80
N VAL A 36 -2.80 -8.69 12.62
CA VAL A 36 -3.46 -9.98 12.61
C VAL A 36 -3.06 -10.87 13.79
N TYR A 37 -4.07 -11.41 14.46
CA TYR A 37 -3.87 -12.24 15.64
C TYR A 37 -4.48 -13.63 15.46
N THR A 38 -4.03 -14.57 16.27
CA THR A 38 -4.73 -15.82 16.50
C THR A 38 -5.39 -15.74 17.87
N ALA A 39 -6.38 -16.60 18.13
CA ALA A 39 -7.11 -16.54 19.40
C ALA A 39 -7.98 -17.78 19.62
N MET A 40 -8.73 -17.79 20.71
CA MET A 40 -9.53 -18.95 21.04
C MET A 40 -10.94 -18.61 21.48
N ASP A 41 -11.90 -19.38 20.98
CA ASP A 41 -13.27 -19.28 21.46
C ASP A 41 -13.28 -19.73 22.91
N VAL A 42 -13.81 -18.87 23.78
CA VAL A 42 -13.86 -19.15 25.21
C VAL A 42 -14.65 -20.42 25.50
N ALA A 43 -15.76 -20.61 24.79
CA ALA A 43 -16.68 -21.71 25.08
C ALA A 43 -16.36 -23.01 24.34
N THR A 44 -16.09 -22.93 23.04
CA THR A 44 -16.00 -24.11 22.18
C THR A 44 -14.56 -24.58 21.93
N GLY A 45 -13.59 -23.71 22.21
CA GLY A 45 -12.18 -24.04 22.01
C GLY A 45 -11.70 -23.82 20.58
N GLN A 46 -12.54 -23.20 19.76
CA GLN A 46 -12.20 -22.97 18.36
C GLN A 46 -11.07 -21.94 18.22
N GLU A 47 -10.04 -22.31 17.46
CA GLU A 47 -8.96 -21.39 17.09
C GLU A 47 -9.37 -20.42 15.99
N VAL A 48 -9.16 -19.12 16.22
CA VAL A 48 -9.56 -18.11 15.25
C VAL A 48 -8.42 -17.12 14.91
N ALA A 49 -8.56 -16.49 13.75
CA ALA A 49 -7.69 -15.43 13.28
C ALA A 49 -8.47 -14.14 13.27
N ILE A 50 -7.95 -13.12 13.93
CA ILE A 50 -8.64 -11.87 14.08
C ILE A 50 -7.75 -10.73 13.60
N LYS A 51 -8.26 -9.96 12.65
CA LYS A 51 -7.57 -8.79 12.14
C LYS A 51 -8.02 -7.56 12.91
N GLN A 52 -7.06 -6.76 13.36
CA GLN A 52 -7.36 -5.51 14.07
C GLN A 52 -7.05 -4.32 13.16
N MET A 53 -8.00 -3.41 13.04
CA MET A 53 -7.95 -2.39 12.01
C MET A 53 -8.54 -1.07 12.49
N ASN A 54 -7.74 -0.01 12.41
CA ASN A 54 -8.19 1.35 12.75
C ASN A 54 -8.76 2.08 11.55
N LEU A 55 -10.06 2.33 11.56
CA LEU A 55 -10.76 2.87 10.40
C LEU A 55 -10.34 4.30 10.05
N GLN A 56 -9.99 5.08 11.06
CA GLN A 56 -9.63 6.49 10.88
C GLN A 56 -8.46 6.71 9.93
N GLN A 57 -7.70 5.66 9.68
CA GLN A 57 -6.49 5.75 8.89
C GLN A 57 -6.53 4.78 7.72
N GLN A 58 -7.68 4.16 7.51
CA GLN A 58 -7.86 3.28 6.36
C GLN A 58 -8.45 4.05 5.19
N PRO A 59 -7.69 4.18 4.11
CA PRO A 59 -8.20 4.85 2.90
C PRO A 59 -9.10 3.90 2.11
N LYS A 60 -10.04 4.43 1.35
CA LYS A 60 -10.98 3.61 0.57
C LYS A 60 -11.73 2.63 1.48
N LYS A 61 -12.70 3.14 2.24
CA LYS A 61 -13.44 2.33 3.19
C LYS A 61 -14.52 1.49 2.50
N GLU A 62 -14.88 1.89 1.29
CA GLU A 62 -15.88 1.15 0.53
C GLU A 62 -15.40 -0.27 0.23
N LEU A 63 -14.09 -0.45 0.13
CA LEU A 63 -13.51 -1.77 -0.15
C LEU A 63 -13.67 -2.69 1.07
N ILE A 64 -13.34 -2.18 2.25
CA ILE A 64 -13.56 -2.90 3.49
C ILE A 64 -15.02 -3.36 3.61
N ILE A 65 -15.95 -2.45 3.32
CA ILE A 65 -17.37 -2.78 3.33
C ILE A 65 -17.71 -3.92 2.39
N ASN A 66 -17.22 -3.82 1.15
CA ASN A 66 -17.45 -4.85 0.16
C ASN A 66 -16.84 -6.18 0.60
N GLU A 67 -15.64 -6.14 1.19
CA GLU A 67 -14.96 -7.39 1.56
C GLU A 67 -15.79 -8.12 2.61
N ILE A 68 -16.20 -7.40 3.65
CA ILE A 68 -17.03 -7.95 4.73
C ILE A 68 -18.36 -8.48 4.18
N LEU A 69 -18.97 -7.73 3.27
CA LEU A 69 -20.27 -8.11 2.74
C LEU A 69 -20.17 -9.37 1.89
N VAL A 70 -19.13 -9.47 1.07
CA VAL A 70 -18.92 -10.64 0.22
C VAL A 70 -18.66 -11.89 1.06
N MET A 71 -17.78 -11.78 2.06
CA MET A 71 -17.53 -12.91 2.97
C MET A 71 -18.82 -13.40 3.61
N ARG A 72 -19.67 -12.46 4.07
CA ARG A 72 -20.83 -12.87 4.86
C ARG A 72 -21.83 -13.66 4.02
N GLU A 73 -21.94 -13.33 2.74
CA GLU A 73 -23.00 -13.91 1.93
C GLU A 73 -22.55 -15.00 0.96
N ASN A 74 -21.27 -15.36 1.00
CA ASN A 74 -20.75 -16.43 0.15
C ASN A 74 -19.89 -17.42 0.91
N LYS A 75 -20.48 -18.03 1.93
CA LYS A 75 -19.78 -19.00 2.77
C LYS A 75 -19.73 -20.38 2.09
N ASN A 76 -18.58 -21.04 2.20
CA ASN A 76 -18.27 -22.21 1.37
C ASN A 76 -17.06 -22.94 1.91
N PRO A 77 -17.07 -24.29 1.83
CA PRO A 77 -15.97 -25.16 2.28
C PRO A 77 -14.58 -24.70 1.85
N ASN A 78 -14.44 -24.21 0.63
CA ASN A 78 -13.12 -23.84 0.12
C ASN A 78 -12.81 -22.34 0.21
N ILE A 79 -13.49 -21.67 1.14
CA ILE A 79 -13.23 -20.26 1.44
C ILE A 79 -12.98 -20.14 2.93
N VAL A 80 -11.93 -19.44 3.32
CA VAL A 80 -11.70 -19.18 4.75
C VAL A 80 -12.96 -18.47 5.20
N ASN A 81 -13.64 -19.00 6.21
CA ASN A 81 -14.92 -18.40 6.46
C ASN A 81 -14.97 -17.48 7.65
N TYR A 82 -15.85 -16.50 7.46
CA TYR A 82 -16.09 -15.38 8.32
C TYR A 82 -16.93 -15.81 9.52
N LEU A 83 -16.46 -15.45 10.72
CA LEU A 83 -17.19 -15.78 11.93
C LEU A 83 -17.96 -14.57 12.46
N ASP A 84 -17.25 -13.45 12.62
CA ASP A 84 -17.83 -12.27 13.24
C ASP A 84 -16.93 -11.07 13.00
N SER A 85 -17.47 -9.88 13.25
CA SER A 85 -16.67 -8.67 13.32
C SER A 85 -17.22 -7.75 14.40
N TYR A 86 -16.32 -7.15 15.17
CA TYR A 86 -16.69 -6.28 16.26
C TYR A 86 -16.22 -4.87 16.00
N LEU A 87 -17.06 -3.92 16.42
CA LEU A 87 -16.72 -2.52 16.37
C LEU A 87 -16.41 -2.06 17.77
N VAL A 88 -15.17 -1.63 18.00
CA VAL A 88 -14.79 -1.08 19.30
C VAL A 88 -14.23 0.32 19.12
N GLY A 89 -15.07 1.32 19.36
CA GLY A 89 -14.69 2.70 19.17
C GLY A 89 -14.28 2.98 17.74
N ASP A 90 -12.99 3.25 17.54
CA ASP A 90 -12.48 3.62 16.23
C ASP A 90 -11.73 2.46 15.56
N GLU A 91 -11.85 1.27 16.12
CA GLU A 91 -11.20 0.12 15.50
C GLU A 91 -12.18 -1.00 15.18
N LEU A 92 -11.92 -1.64 14.04
CA LEU A 92 -12.70 -2.77 13.55
C LEU A 92 -11.92 -4.06 13.79
N TRP A 93 -12.60 -5.08 14.28
CA TRP A 93 -12.00 -6.39 14.52
C TRP A 93 -12.73 -7.43 13.70
N VAL A 94 -12.04 -8.03 12.74
CA VAL A 94 -12.64 -9.07 11.91
C VAL A 94 -12.19 -10.44 12.41
N VAL A 95 -13.13 -11.35 12.57
CA VAL A 95 -12.85 -12.70 13.07
C VAL A 95 -13.15 -13.76 12.03
N MET A 96 -12.11 -14.53 11.71
CA MET A 96 -12.11 -15.59 10.69
C MET A 96 -11.65 -16.92 11.25
N GLU A 97 -11.94 -18.01 10.54
CA GLU A 97 -11.28 -19.28 10.81
C GLU A 97 -9.78 -19.08 10.85
N TYR A 98 -9.10 -19.86 11.68
CA TYR A 98 -7.67 -19.94 11.57
C TYR A 98 -7.31 -21.23 10.87
N LEU A 99 -6.45 -21.12 9.87
CA LEU A 99 -5.92 -22.28 9.17
C LEU A 99 -4.46 -22.43 9.56
N ALA A 100 -4.15 -23.48 10.31
CA ALA A 100 -2.83 -23.59 10.94
C ALA A 100 -1.77 -24.07 9.95
N GLY A 101 -2.20 -24.70 8.86
CA GLY A 101 -1.25 -25.18 7.87
C GLY A 101 -0.55 -24.05 7.13
N GLY A 102 -1.01 -22.83 7.38
CA GLY A 102 -0.37 -21.65 6.80
C GLY A 102 -0.62 -21.46 5.31
N SER A 103 0.26 -20.68 4.68
CA SER A 103 0.07 -20.22 3.30
C SER A 103 0.68 -21.17 2.26
N LEU A 104 -0.01 -21.34 1.12
CA LEU A 104 0.54 -22.12 0.01
C LEU A 104 1.84 -21.51 -0.55
N THR A 105 2.05 -20.20 -0.41
CA THR A 105 3.28 -19.56 -0.88
C THR A 105 4.51 -20.21 -0.22
N ASP A 106 4.43 -20.52 1.06
CA ASP A 106 5.54 -21.17 1.77
C ASP A 106 5.80 -22.58 1.23
N VAL A 107 4.74 -23.26 0.80
CA VAL A 107 4.89 -24.56 0.18
C VAL A 107 5.50 -24.44 -1.23
N VAL A 108 5.06 -23.47 -2.04
CA VAL A 108 5.54 -23.41 -3.43
C VAL A 108 6.99 -22.90 -3.51
N THR A 109 7.41 -22.08 -2.55
CA THR A 109 8.77 -21.55 -2.58
C THR A 109 9.82 -22.44 -1.88
N GLU A 110 9.37 -23.42 -1.10
CA GLU A 110 10.32 -24.22 -0.29
C GLU A 110 10.26 -25.74 -0.53
N THR A 111 9.30 -26.19 -1.32
CA THR A 111 9.15 -27.61 -1.56
C THR A 111 8.91 -27.96 -3.02
N CYS A 112 9.12 -29.23 -3.33
CA CYS A 112 8.75 -29.77 -4.62
C CYS A 112 7.41 -30.46 -4.46
N MET A 113 6.40 -30.03 -5.22
CA MET A 113 5.10 -30.66 -5.19
C MET A 113 5.01 -31.62 -6.38
N ASP A 114 4.40 -32.78 -6.20
CA ASP A 114 4.20 -33.67 -7.34
C ASP A 114 2.85 -33.39 -7.97
N GLU A 115 2.56 -34.06 -9.07
CA GLU A 115 1.36 -33.77 -9.84
C GLU A 115 0.07 -34.10 -9.08
N GLY A 116 0.11 -35.16 -8.29
CA GLY A 116 -1.04 -35.52 -7.46
C GLY A 116 -1.37 -34.45 -6.44
N GLN A 117 -0.35 -33.89 -5.80
CA GLN A 117 -0.54 -32.82 -4.83
C GLN A 117 -1.00 -31.54 -5.51
N ILE A 118 -0.39 -31.20 -6.64
CA ILE A 118 -0.80 -30.01 -7.42
C ILE A 118 -2.25 -30.15 -7.87
N ALA A 119 -2.60 -31.34 -8.35
CA ALA A 119 -3.96 -31.58 -8.83
C ALA A 119 -4.99 -31.39 -7.70
N ALA A 120 -4.69 -31.91 -6.51
CA ALA A 120 -5.58 -31.78 -5.36
C ALA A 120 -5.84 -30.32 -4.97
N VAL A 121 -4.78 -29.54 -4.84
CA VAL A 121 -4.91 -28.10 -4.62
C VAL A 121 -5.76 -27.43 -5.72
N CYS A 122 -5.49 -27.73 -6.99
CA CYS A 122 -6.22 -27.10 -8.10
C CYS A 122 -7.71 -27.43 -8.04
N ARG A 123 -8.01 -28.70 -7.74
CA ARG A 123 -9.41 -29.11 -7.62
C ARG A 123 -10.13 -28.33 -6.52
N GLU A 124 -9.50 -28.21 -5.35
CA GLU A 124 -10.09 -27.47 -4.22
C GLU A 124 -10.30 -25.98 -4.56
N CYS A 125 -9.34 -25.39 -5.27
CA CYS A 125 -9.48 -23.98 -5.68
C CYS A 125 -10.60 -23.82 -6.70
N LEU A 126 -10.65 -24.74 -7.66
CA LEU A 126 -11.69 -24.73 -8.68
C LEU A 126 -13.08 -24.84 -8.08
N GLN A 127 -13.21 -25.62 -7.02
CA GLN A 127 -14.47 -25.76 -6.31
C GLN A 127 -14.96 -24.43 -5.73
N ALA A 128 -14.06 -23.66 -5.14
CA ALA A 128 -14.42 -22.33 -4.63
C ALA A 128 -14.72 -21.35 -5.76
N LEU A 129 -13.99 -21.46 -6.86
CA LEU A 129 -14.18 -20.54 -7.97
C LEU A 129 -15.52 -20.77 -8.65
N GLU A 130 -15.88 -22.03 -8.84
CA GLU A 130 -17.18 -22.36 -9.42
C GLU A 130 -18.29 -21.88 -8.50
N PHE A 131 -18.11 -22.06 -7.20
CA PHE A 131 -19.08 -21.55 -6.24
C PHE A 131 -19.24 -20.04 -6.39
N LEU A 132 -18.13 -19.31 -6.31
CA LEU A 132 -18.14 -17.86 -6.47
C LEU A 132 -18.68 -17.36 -7.82
N HIS A 133 -18.18 -17.93 -8.92
CA HIS A 133 -18.57 -17.51 -10.25
C HIS A 133 -20.06 -17.71 -10.50
N SER A 134 -20.62 -18.74 -9.88
CA SER A 134 -22.04 -19.01 -9.98
C SER A 134 -22.86 -18.04 -9.12
N ASN A 135 -22.16 -17.28 -8.27
CA ASN A 135 -22.81 -16.26 -7.46
C ASN A 135 -22.35 -14.86 -7.86
N GLN A 136 -21.85 -14.76 -9.09
CA GLN A 136 -21.42 -13.51 -9.68
C GLN A 136 -20.36 -12.77 -8.86
N VAL A 137 -19.46 -13.52 -8.24
CA VAL A 137 -18.29 -12.91 -7.62
C VAL A 137 -17.03 -13.36 -8.36
N ILE A 138 -16.27 -12.38 -8.86
CA ILE A 138 -14.96 -12.64 -9.41
C ILE A 138 -13.91 -12.24 -8.36
N HIS A 139 -13.01 -13.15 -8.04
CA HIS A 139 -12.04 -12.92 -6.98
C HIS A 139 -11.04 -11.85 -7.41
N ARG A 140 -10.48 -12.04 -8.60
CA ARG A 140 -9.50 -11.13 -9.21
C ARG A 140 -8.12 -11.06 -8.54
N ASN A 141 -7.90 -11.79 -7.46
CA ASN A 141 -6.55 -11.79 -6.87
C ASN A 141 -6.08 -13.20 -6.47
N ILE A 142 -6.37 -14.18 -7.31
CA ILE A 142 -5.89 -15.55 -7.08
C ILE A 142 -4.35 -15.65 -7.21
N LYS A 143 -3.72 -16.23 -6.20
CA LYS A 143 -2.28 -16.43 -6.15
C LYS A 143 -2.03 -17.28 -4.92
N SER A 144 -0.88 -17.95 -4.85
CA SER A 144 -0.61 -18.86 -3.74
C SER A 144 -0.71 -18.13 -2.39
N ASP A 145 -0.45 -16.82 -2.40
CA ASP A 145 -0.49 -16.00 -1.18
C ASP A 145 -1.87 -15.94 -0.55
N ASN A 146 -2.90 -16.14 -1.36
CA ASN A 146 -4.27 -16.11 -0.86
C ASN A 146 -4.92 -17.47 -0.79
N ILE A 147 -4.07 -18.48 -0.67
CA ILE A 147 -4.51 -19.83 -0.37
C ILE A 147 -3.97 -20.24 0.98
N LEU A 148 -4.89 -20.59 1.88
CA LEU A 148 -4.54 -20.98 3.23
C LEU A 148 -4.80 -22.47 3.39
N LEU A 149 -3.97 -23.15 4.19
CA LEU A 149 -4.04 -24.61 4.32
C LEU A 149 -4.46 -25.08 5.72
N GLY A 150 -5.39 -26.03 5.78
CA GLY A 150 -5.70 -26.64 7.07
C GLY A 150 -4.56 -27.55 7.49
N MET A 151 -4.44 -27.80 8.79
CA MET A 151 -3.40 -28.74 9.27
C MET A 151 -3.64 -30.15 8.73
N ASP A 152 -4.84 -30.38 8.18
CA ASP A 152 -5.23 -31.66 7.61
C ASP A 152 -5.18 -31.65 6.09
N GLY A 153 -4.58 -30.62 5.50
CA GLY A 153 -4.51 -30.53 4.06
C GLY A 153 -5.68 -29.81 3.38
N SER A 154 -6.60 -29.25 4.15
CA SER A 154 -7.73 -28.56 3.54
C SER A 154 -7.24 -27.26 2.89
N VAL A 155 -7.85 -26.95 1.76
CA VAL A 155 -7.40 -25.85 0.90
C VAL A 155 -8.45 -24.75 0.84
N LYS A 156 -8.11 -23.55 1.32
CA LYS A 156 -9.10 -22.48 1.42
C LYS A 156 -8.64 -21.14 0.87
N LEU A 157 -9.50 -20.56 0.05
CA LEU A 157 -9.25 -19.27 -0.58
C LEU A 157 -9.57 -18.08 0.36
N THR A 158 -8.69 -17.08 0.37
CA THR A 158 -8.84 -15.91 1.23
C THR A 158 -8.64 -14.58 0.48
N ASP A 159 -8.67 -13.48 1.24
CA ASP A 159 -8.56 -12.10 0.73
C ASP A 159 -9.52 -11.73 -0.42
N PHE A 160 -10.67 -11.18 -0.07
CA PHE A 160 -11.63 -10.76 -1.09
C PHE A 160 -11.68 -9.24 -1.24
N GLY A 161 -10.56 -8.58 -0.92
CA GLY A 161 -10.48 -7.14 -0.95
C GLY A 161 -10.47 -6.56 -2.35
N PHE A 162 -10.30 -7.42 -3.35
CA PHE A 162 -10.20 -7.00 -4.76
C PHE A 162 -11.37 -7.53 -5.60
N CYS A 163 -12.24 -8.31 -4.99
CA CYS A 163 -13.26 -9.03 -5.72
C CYS A 163 -14.28 -8.05 -6.30
N ALA A 164 -14.87 -8.43 -7.43
CA ALA A 164 -15.91 -7.64 -8.06
C ALA A 164 -17.19 -8.46 -8.18
N GLN A 165 -18.31 -7.85 -7.82
CA GLN A 165 -19.58 -8.50 -8.04
C GLN A 165 -20.17 -8.01 -9.37
N ILE A 166 -20.63 -8.94 -10.19
CA ILE A 166 -21.13 -8.59 -11.52
C ILE A 166 -22.61 -8.93 -11.63
N THR A 167 -23.27 -8.32 -12.60
CA THR A 167 -24.70 -8.46 -12.77
C THR A 167 -25.02 -8.59 -14.26
N PRO A 168 -26.21 -9.09 -14.61
CA PRO A 168 -26.60 -9.02 -16.03
C PRO A 168 -26.57 -7.60 -16.61
N GLU A 169 -26.90 -6.59 -15.79
CA GLU A 169 -26.79 -5.20 -16.22
C GLU A 169 -25.35 -4.83 -16.59
N GLN A 170 -24.40 -5.35 -15.82
CA GLN A 170 -22.99 -5.06 -16.03
C GLN A 170 -22.15 -6.29 -15.70
N SER A 171 -21.93 -7.15 -16.69
CA SER A 171 -21.35 -8.47 -16.47
C SER A 171 -19.84 -8.54 -16.70
N LYS A 172 -19.24 -7.42 -17.08
CA LYS A 172 -17.81 -7.37 -17.31
C LYS A 172 -17.16 -6.14 -16.65
N ARG A 173 -15.83 -6.16 -16.57
CA ARG A 173 -15.08 -5.06 -16.01
C ARG A 173 -13.89 -4.70 -16.91
N SER A 174 -13.27 -3.54 -16.68
CA SER A 174 -12.15 -3.10 -17.51
C SER A 174 -10.93 -2.66 -16.70
N GLU A 175 -11.11 -2.43 -15.40
CA GLU A 175 -10.06 -1.89 -14.53
C GLU A 175 -8.89 -2.85 -14.24
N MET A 176 -7.66 -2.33 -14.30
CA MET A 176 -6.47 -3.10 -13.99
C MET A 176 -6.38 -3.41 -12.50
N VAL A 177 -7.03 -4.49 -12.10
CA VAL A 177 -7.07 -4.86 -10.70
C VAL A 177 -6.49 -6.26 -10.49
N GLY A 178 -5.55 -6.36 -9.56
CA GLY A 178 -4.92 -7.63 -9.25
C GLY A 178 -3.46 -7.45 -8.88
N THR A 179 -2.73 -8.56 -8.91
CA THR A 179 -1.30 -8.57 -8.70
C THR A 179 -0.66 -8.91 -10.06
N PRO A 180 0.24 -8.04 -10.55
CA PRO A 180 0.73 -8.06 -11.94
C PRO A 180 1.04 -9.46 -12.50
N TYR A 181 1.96 -10.18 -11.86
CA TYR A 181 2.38 -11.50 -12.36
C TYR A 181 1.22 -12.47 -12.59
N TRP A 182 0.12 -12.31 -11.86
CA TRP A 182 -1.00 -13.25 -11.95
C TRP A 182 -2.20 -12.76 -12.78
N MET A 183 -2.08 -11.59 -13.39
CA MET A 183 -3.22 -10.97 -14.08
C MET A 183 -3.38 -11.52 -15.50
N ALA A 184 -4.60 -11.91 -15.85
CA ALA A 184 -4.91 -12.33 -17.21
C ALA A 184 -4.64 -11.18 -18.20
N PRO A 185 -4.20 -11.51 -19.42
CA PRO A 185 -3.80 -10.46 -20.39
C PRO A 185 -4.94 -9.48 -20.73
N GLU A 186 -6.16 -9.98 -20.75
CA GLU A 186 -7.28 -9.10 -21.04
C GLU A 186 -7.49 -8.08 -19.93
N VAL A 187 -6.99 -8.40 -18.73
CA VAL A 187 -7.00 -7.44 -17.63
C VAL A 187 -5.88 -6.42 -17.79
N VAL A 188 -4.68 -6.90 -18.12
CA VAL A 188 -3.53 -6.01 -18.32
C VAL A 188 -3.79 -4.99 -19.43
N THR A 189 -4.59 -5.37 -20.43
CA THR A 189 -4.77 -4.51 -21.61
C THR A 189 -6.14 -3.84 -21.66
N ARG A 190 -6.78 -3.76 -20.49
CA ARG A 190 -8.01 -3.01 -20.27
C ARG A 190 -9.12 -3.34 -21.26
N LYS A 191 -9.29 -4.64 -21.51
CA LYS A 191 -10.43 -5.13 -22.28
C LYS A 191 -11.56 -5.54 -21.33
N ALA A 192 -12.75 -5.75 -21.88
CA ALA A 192 -13.83 -6.25 -21.07
C ALA A 192 -13.52 -7.69 -20.68
N TYR A 193 -13.52 -7.98 -19.38
CA TYR A 193 -13.23 -9.34 -18.91
C TYR A 193 -14.32 -9.84 -17.97
N GLY A 194 -14.33 -11.15 -17.73
CA GLY A 194 -15.27 -11.74 -16.79
C GLY A 194 -14.60 -12.72 -15.82
N PRO A 195 -15.38 -13.67 -15.29
CA PRO A 195 -14.94 -14.64 -14.27
C PRO A 195 -13.70 -15.44 -14.65
N LYS A 196 -13.44 -15.61 -15.94
CA LYS A 196 -12.35 -16.48 -16.35
C LYS A 196 -10.98 -15.86 -16.10
N VAL A 197 -10.93 -14.64 -15.58
CA VAL A 197 -9.64 -14.07 -15.23
C VAL A 197 -9.05 -14.81 -14.01
N ASP A 198 -9.94 -15.34 -13.17
CA ASP A 198 -9.56 -16.18 -12.03
C ASP A 198 -9.02 -17.52 -12.49
N ILE A 199 -9.53 -18.01 -13.61
CA ILE A 199 -9.06 -19.27 -14.16
C ILE A 199 -7.62 -19.11 -14.65
N TRP A 200 -7.37 -17.97 -15.29
CA TRP A 200 -6.03 -17.61 -15.74
C TRP A 200 -5.09 -17.52 -14.56
N SER A 201 -5.50 -16.75 -13.56
CA SER A 201 -4.68 -16.57 -12.37
C SER A 201 -4.40 -17.91 -11.69
N LEU A 202 -5.37 -18.83 -11.75
CA LEU A 202 -5.14 -20.18 -11.17
C LEU A 202 -4.07 -20.92 -11.95
N GLY A 203 -4.09 -20.77 -13.27
CA GLY A 203 -3.09 -21.32 -14.16
C GLY A 203 -1.71 -20.81 -13.79
N ILE A 204 -1.63 -19.51 -13.51
CA ILE A 204 -0.36 -18.97 -13.02
C ILE A 204 0.02 -19.54 -11.63
N MET A 205 -0.96 -19.77 -10.77
CA MET A 205 -0.66 -20.39 -9.49
C MET A 205 -0.12 -21.82 -9.71
N ALA A 206 -0.64 -22.53 -10.71
CA ALA A 206 -0.10 -23.87 -11.03
C ALA A 206 1.37 -23.80 -11.47
N ILE A 207 1.73 -22.75 -12.19
CA ILE A 207 3.12 -22.50 -12.54
C ILE A 207 3.96 -22.25 -11.29
N GLU A 208 3.44 -21.51 -10.32
CA GLU A 208 4.07 -21.44 -9.00
C GLU A 208 4.37 -22.83 -8.42
N MET A 209 3.39 -23.72 -8.47
CA MET A 209 3.50 -25.03 -7.84
C MET A 209 4.55 -25.90 -8.58
N ILE A 210 4.65 -25.68 -9.90
CA ILE A 210 5.63 -26.34 -10.75
C ILE A 210 7.04 -25.75 -10.61
N GLU A 211 7.15 -24.44 -10.79
CA GLU A 211 8.47 -23.78 -10.88
C GLU A 211 8.89 -23.00 -9.64
N GLY A 212 7.98 -22.79 -8.70
CA GLY A 212 8.32 -22.00 -7.53
C GLY A 212 7.94 -20.53 -7.64
N GLU A 213 7.72 -20.06 -8.86
CA GLU A 213 7.39 -18.63 -9.08
C GLU A 213 6.42 -18.45 -10.21
N PRO A 214 5.66 -17.34 -10.23
CA PRO A 214 4.94 -17.11 -11.47
C PRO A 214 5.95 -16.70 -12.54
N PRO A 215 5.53 -16.66 -13.81
CA PRO A 215 6.44 -16.10 -14.83
C PRO A 215 6.81 -14.63 -14.57
N TYR A 216 8.08 -14.29 -14.82
CA TYR A 216 8.60 -12.91 -14.81
C TYR A 216 8.84 -12.32 -13.42
N LEU A 217 8.91 -13.14 -12.38
CA LEU A 217 9.08 -12.62 -11.02
C LEU A 217 10.43 -11.93 -10.80
N ASN A 218 11.41 -12.26 -11.61
CA ASN A 218 12.69 -11.54 -11.54
C ASN A 218 12.54 -10.09 -12.00
N GLU A 219 11.59 -9.83 -12.89
CA GLU A 219 11.35 -8.47 -13.42
C GLU A 219 10.57 -7.60 -12.45
N ASN A 220 10.48 -6.31 -12.75
CA ASN A 220 9.64 -5.42 -11.96
C ASN A 220 8.19 -5.54 -12.45
N PRO A 221 7.23 -5.19 -11.58
CA PRO A 221 5.81 -5.37 -11.91
C PRO A 221 5.41 -4.68 -13.22
N LEU A 222 5.92 -3.49 -13.47
CA LEU A 222 5.60 -2.80 -14.72
C LEU A 222 6.10 -3.59 -15.90
N ARG A 223 7.37 -3.97 -15.85
CA ARG A 223 7.97 -4.79 -16.89
C ARG A 223 7.19 -6.09 -17.09
N ALA A 224 6.77 -6.69 -15.98
CA ALA A 224 5.99 -7.92 -16.05
C ALA A 224 4.65 -7.68 -16.75
N LEU A 225 4.00 -6.56 -16.42
CA LEU A 225 2.74 -6.19 -17.08
C LEU A 225 2.93 -6.14 -18.58
N TYR A 226 4.04 -5.55 -19.02
CA TYR A 226 4.34 -5.45 -20.44
C TYR A 226 4.54 -6.86 -21.00
N LEU A 227 5.36 -7.65 -20.31
CA LEU A 227 5.66 -9.02 -20.78
C LEU A 227 4.38 -9.83 -20.94
N ILE A 228 3.46 -9.72 -19.99
CA ILE A 228 2.18 -10.40 -20.13
C ILE A 228 1.40 -9.87 -21.34
N ALA A 229 1.34 -8.56 -21.49
CA ALA A 229 0.59 -7.93 -22.58
C ALA A 229 1.02 -8.42 -23.96
N THR A 230 2.32 -8.52 -24.17
CA THR A 230 2.85 -8.85 -25.49
C THR A 230 3.09 -10.36 -25.74
N ASN A 231 3.46 -11.11 -24.70
CA ASN A 231 3.76 -12.55 -24.86
C ASN A 231 2.55 -13.48 -24.84
N GLY A 232 1.51 -13.11 -24.10
CA GLY A 232 0.33 -13.95 -23.98
C GLY A 232 0.62 -15.17 -23.12
N THR A 233 0.13 -16.33 -23.55
CA THR A 233 0.40 -17.59 -22.84
C THR A 233 1.88 -17.70 -22.51
N PRO A 234 2.22 -17.68 -21.21
CA PRO A 234 3.62 -17.66 -20.81
C PRO A 234 4.30 -19.01 -21.06
N GLU A 235 5.64 -19.03 -21.05
CA GLU A 235 6.40 -20.24 -21.34
C GLU A 235 6.91 -20.92 -20.08
N LEU A 236 6.86 -22.26 -20.06
CA LEU A 236 7.41 -23.04 -18.95
C LEU A 236 8.90 -23.26 -19.16
N GLN A 237 9.69 -23.19 -18.10
CA GLN A 237 11.12 -23.45 -18.22
C GLN A 237 11.37 -24.87 -18.77
N ASN A 238 10.63 -25.84 -18.25
CA ASN A 238 10.83 -27.24 -18.64
C ASN A 238 9.53 -28.02 -18.84
N PRO A 239 8.79 -27.71 -19.92
CA PRO A 239 7.52 -28.39 -20.22
C PRO A 239 7.63 -29.91 -20.31
N GLU A 240 8.79 -30.40 -20.73
CA GLU A 240 9.03 -31.85 -20.91
C GLU A 240 8.87 -32.64 -19.62
N LYS A 241 8.86 -31.97 -18.48
CA LYS A 241 8.78 -32.64 -17.19
C LYS A 241 7.34 -32.92 -16.76
N LEU A 242 6.39 -32.32 -17.47
CA LEU A 242 4.97 -32.46 -17.13
C LEU A 242 4.33 -33.60 -17.89
N SER A 243 3.29 -34.20 -17.31
CA SER A 243 2.48 -35.17 -18.03
C SER A 243 1.70 -34.49 -19.16
N ALA A 244 1.28 -35.27 -20.14
CA ALA A 244 0.43 -34.78 -21.21
C ALA A 244 -0.82 -34.12 -20.64
N ILE A 245 -1.45 -34.78 -19.67
CA ILE A 245 -2.71 -34.28 -19.13
C ILE A 245 -2.53 -33.01 -18.29
N PHE A 246 -1.43 -32.91 -17.54
CA PHE A 246 -1.11 -31.67 -16.81
C PHE A 246 -0.91 -30.53 -17.80
N ARG A 247 -0.09 -30.77 -18.84
CA ARG A 247 0.13 -29.72 -19.84
C ARG A 247 -1.17 -29.26 -20.45
N ASP A 248 -2.08 -30.21 -20.70
CA ASP A 248 -3.35 -29.88 -21.31
C ASP A 248 -4.16 -29.01 -20.37
N PHE A 249 -4.11 -29.32 -19.08
CA PHE A 249 -4.81 -28.55 -18.06
C PHE A 249 -4.31 -27.11 -18.00
N LEU A 250 -2.99 -26.96 -17.93
CA LEU A 250 -2.33 -25.66 -17.99
C LEU A 250 -2.75 -24.83 -19.20
N ASN A 251 -2.72 -25.44 -20.40
CA ASN A 251 -3.06 -24.72 -21.63
C ASN A 251 -4.46 -24.16 -21.59
N ARG A 252 -5.37 -24.92 -20.99
CA ARG A 252 -6.77 -24.54 -20.91
C ARG A 252 -7.06 -23.48 -19.85
N CYS A 253 -6.22 -23.41 -18.81
CA CYS A 253 -6.28 -22.29 -17.84
C CYS A 253 -5.71 -21.01 -18.47
N LEU A 254 -4.69 -21.18 -19.30
CA LEU A 254 -3.89 -20.08 -19.79
C LEU A 254 -4.16 -19.80 -21.27
N GLU A 255 -5.35 -20.18 -21.72
CA GLU A 255 -5.76 -19.94 -23.10
C GLU A 255 -6.06 -18.44 -23.29
N MET A 256 -5.52 -17.85 -24.37
CA MET A 256 -5.76 -16.44 -24.71
C MET A 256 -7.22 -16.18 -25.07
N ASP A 257 -7.77 -17.02 -25.93
CA ASP A 257 -9.17 -16.91 -26.30
C ASP A 257 -10.00 -17.18 -25.05
N VAL A 258 -10.64 -16.13 -24.53
CA VAL A 258 -11.43 -16.26 -23.31
C VAL A 258 -12.61 -17.23 -23.47
N GLU A 259 -13.08 -17.40 -24.70
CA GLU A 259 -14.17 -18.35 -24.95
C GLU A 259 -13.66 -19.80 -24.97
N LYS A 260 -12.43 -19.99 -25.42
CA LYS A 260 -11.80 -21.31 -25.42
C LYS A 260 -11.33 -21.68 -24.01
N ARG A 261 -10.81 -20.70 -23.28
CA ARG A 261 -10.37 -20.91 -21.90
C ARG A 261 -11.48 -21.57 -21.12
N GLY A 262 -11.12 -22.53 -20.28
CA GLY A 262 -12.11 -23.26 -19.50
C GLY A 262 -12.73 -22.42 -18.41
N SER A 263 -13.96 -22.76 -18.05
CA SER A 263 -14.61 -22.18 -16.89
C SER A 263 -14.27 -23.08 -15.70
N ALA A 264 -14.59 -22.62 -14.49
CA ALA A 264 -14.33 -23.40 -13.29
C ALA A 264 -15.08 -24.72 -13.34
N LYS A 265 -16.30 -24.68 -13.89
CA LYS A 265 -17.15 -25.86 -13.90
C LYS A 265 -16.58 -26.92 -14.83
N GLU A 266 -16.12 -26.51 -16.00
CA GLU A 266 -15.65 -27.49 -16.97
C GLU A 266 -14.21 -27.95 -16.72
N LEU A 267 -13.46 -27.15 -15.96
CA LEU A 267 -12.10 -27.58 -15.60
C LEU A 267 -12.14 -28.58 -14.44
N LEU A 268 -13.21 -28.50 -13.64
CA LEU A 268 -13.44 -29.45 -12.56
C LEU A 268 -13.65 -30.87 -13.09
N GLN A 269 -13.75 -31.00 -14.41
CA GLN A 269 -13.94 -32.29 -15.05
C GLN A 269 -12.71 -32.77 -15.82
N HIS A 270 -11.67 -31.93 -15.90
CA HIS A 270 -10.46 -32.27 -16.62
C HIS A 270 -9.80 -33.53 -16.03
N GLN A 271 -9.17 -34.32 -16.87
CA GLN A 271 -8.57 -35.58 -16.44
C GLN A 271 -7.38 -35.38 -15.50
N PHE A 272 -6.74 -34.22 -15.59
CA PHE A 272 -5.61 -33.92 -14.71
C PHE A 272 -6.02 -34.06 -13.25
N LEU A 273 -7.25 -33.65 -12.93
CA LEU A 273 -7.71 -33.66 -11.56
C LEU A 273 -7.98 -35.05 -11.04
N LYS A 274 -8.11 -36.03 -11.94
CA LYS A 274 -8.40 -37.41 -11.53
C LYS A 274 -7.18 -38.10 -10.94
N ILE A 275 -6.00 -37.52 -11.13
CA ILE A 275 -4.79 -38.11 -10.58
C ILE A 275 -4.45 -37.50 -9.21
N ALA A 276 -5.34 -36.66 -8.70
CA ALA A 276 -5.15 -35.98 -7.42
C ALA A 276 -4.98 -36.98 -6.26
N LYS A 277 -4.03 -36.69 -5.37
CA LYS A 277 -3.83 -37.44 -4.13
C LYS A 277 -4.79 -36.94 -3.05
N PRO A 278 -4.97 -37.72 -1.96
CA PRO A 278 -5.77 -37.21 -0.84
C PRO A 278 -5.14 -35.93 -0.30
N LEU A 279 -5.95 -35.05 0.28
CA LEU A 279 -5.44 -33.78 0.80
C LEU A 279 -4.46 -34.00 1.95
N SER A 280 -4.59 -35.12 2.65
CA SER A 280 -3.63 -35.51 3.69
C SER A 280 -2.18 -35.49 3.17
N SER A 281 -1.99 -35.74 1.87
CA SER A 281 -0.67 -35.71 1.26
C SER A 281 0.01 -34.33 1.32
N LEU A 282 -0.74 -33.27 1.62
CA LEU A 282 -0.12 -31.93 1.72
C LEU A 282 0.56 -31.71 3.06
N THR A 283 0.28 -32.53 4.06
CA THR A 283 0.82 -32.24 5.39
C THR A 283 2.34 -32.40 5.46
N PRO A 284 2.93 -33.34 4.70
CA PRO A 284 4.39 -33.33 4.74
C PRO A 284 4.97 -32.06 4.13
N LEU A 285 4.33 -31.56 3.08
CA LEU A 285 4.72 -30.27 2.47
C LEU A 285 4.63 -29.14 3.48
N ILE A 286 3.56 -29.15 4.27
CA ILE A 286 3.36 -28.13 5.30
C ILE A 286 4.50 -28.19 6.30
N ALA A 287 4.84 -29.40 6.76
CA ALA A 287 5.92 -29.57 7.71
C ALA A 287 7.26 -29.07 7.16
N ALA A 288 7.54 -29.37 5.90
CA ALA A 288 8.76 -28.92 5.26
C ALA A 288 8.83 -27.38 5.19
N ALA A 289 7.75 -26.78 4.69
CA ALA A 289 7.68 -25.33 4.54
C ALA A 289 7.94 -24.66 5.89
N LYS A 290 7.29 -25.16 6.93
CA LYS A 290 7.48 -24.68 8.29
C LYS A 290 8.93 -24.76 8.76
N GLU A 291 9.60 -25.90 8.50
CA GLU A 291 10.99 -26.04 8.85
C GLU A 291 11.86 -25.07 8.07
N ALA A 292 11.57 -24.94 6.78
CA ALA A 292 12.41 -24.13 5.89
C ALA A 292 12.35 -22.64 6.25
N THR A 293 11.24 -22.23 6.86
CA THR A 293 11.03 -20.83 7.18
C THR A 293 11.10 -20.58 8.68
N LYS A 294 12.01 -21.29 9.36
CA LYS A 294 12.18 -21.12 10.80
C LYS A 294 12.93 -19.84 11.11
N ASN A 295 14.07 -19.65 10.43
CA ASN A 295 14.87 -18.45 10.58
C ASN A 295 14.03 -17.22 10.23
N ASN A 296 13.48 -17.21 9.01
CA ASN A 296 12.42 -16.29 8.61
C ASN A 296 11.80 -16.72 7.28
N GLU B 7 23.19 2.54 24.20
CA GLU B 7 24.35 2.94 23.40
C GLU B 7 24.59 4.44 23.50
N LYS B 8 24.60 5.12 22.35
CA LYS B 8 24.84 6.56 22.31
C LYS B 8 23.51 7.31 22.29
N LEU B 9 22.53 6.73 22.98
CA LEU B 9 21.27 7.39 23.25
C LEU B 9 21.47 8.50 24.26
N ARG B 10 22.39 8.27 25.20
CA ARG B 10 22.70 9.24 26.24
C ARG B 10 23.30 10.52 25.64
N SER B 11 23.84 10.39 24.42
CA SER B 11 24.37 11.53 23.68
C SER B 11 23.24 12.47 23.28
N ILE B 12 22.13 11.87 22.86
CA ILE B 12 20.98 12.61 22.35
C ILE B 12 20.03 13.11 23.43
N VAL B 13 19.50 12.16 24.20
CA VAL B 13 18.40 12.43 25.10
C VAL B 13 18.75 13.50 26.11
N SER B 14 17.72 14.18 26.60
CA SER B 14 17.92 15.24 27.56
C SER B 14 17.66 14.78 28.99
N VAL B 15 18.34 15.42 29.93
CA VAL B 15 17.99 15.27 31.32
C VAL B 15 16.73 16.10 31.56
N GLY B 16 15.83 15.60 32.40
CA GLY B 16 14.59 16.31 32.59
C GLY B 16 13.41 15.39 32.33
N ASP B 17 12.28 15.75 32.93
CA ASP B 17 11.07 14.95 32.79
C ASP B 17 10.14 15.60 31.76
N PRO B 18 10.00 14.95 30.59
CA PRO B 18 9.15 15.50 29.54
C PRO B 18 7.69 15.55 29.94
N LYS B 19 7.31 14.80 30.97
CA LYS B 19 5.95 14.90 31.52
C LYS B 19 5.79 16.19 32.31
N LYS B 20 6.92 16.77 32.72
CA LYS B 20 6.91 18.03 33.45
C LYS B 20 7.09 19.22 32.49
N LYS B 21 8.06 19.13 31.59
CA LYS B 21 8.36 20.24 30.68
C LYS B 21 7.25 20.54 29.66
N TYR B 22 6.41 19.54 29.37
CA TYR B 22 5.31 19.70 28.41
C TYR B 22 3.94 19.39 29.00
N THR B 23 2.90 19.96 28.42
CA THR B 23 1.55 19.76 28.93
C THR B 23 0.53 19.73 27.77
N ARG B 24 -0.74 19.55 28.10
CA ARG B 24 -1.81 19.48 27.11
C ARG B 24 -1.51 18.53 25.94
N PHE B 25 -1.33 17.27 26.26
CA PHE B 25 -1.12 16.24 25.26
C PHE B 25 -2.41 15.89 24.51
N GLU B 26 -2.38 16.00 23.19
CA GLU B 26 -3.48 15.52 22.35
C GLU B 26 -2.93 14.60 21.26
N LYS B 27 -3.45 13.37 21.18
CA LYS B 27 -3.03 12.47 20.11
C LYS B 27 -3.53 13.01 18.77
N ILE B 28 -2.68 12.98 17.75
CA ILE B 28 -3.10 13.39 16.41
C ILE B 28 -2.82 12.32 15.35
N GLY B 29 -2.43 11.13 15.78
CA GLY B 29 -2.16 10.05 14.85
C GLY B 29 -1.11 9.09 15.36
N GLN B 30 -0.92 7.99 14.63
CA GLN B 30 0.08 6.98 14.95
C GLN B 30 0.24 5.99 13.79
N GLY B 31 0.88 4.87 14.07
CA GLY B 31 1.01 3.81 13.09
C GLY B 31 2.39 3.18 13.03
N ALA B 32 3.18 3.63 12.05
CA ALA B 32 4.48 3.03 11.76
C ALA B 32 5.46 3.22 12.91
N SER B 33 6.12 4.37 12.93
CA SER B 33 7.11 4.68 13.96
C SER B 33 6.51 4.58 15.36
N GLY B 34 5.50 5.40 15.63
CA GLY B 34 4.82 5.38 16.91
C GLY B 34 3.65 6.34 16.90
N THR B 35 3.25 6.79 18.09
CA THR B 35 2.13 7.69 18.23
C THR B 35 2.60 9.14 18.33
N VAL B 36 1.93 10.03 17.61
CA VAL B 36 2.32 11.44 17.56
C VAL B 36 1.33 12.30 18.33
N TYR B 37 1.85 13.07 19.29
CA TYR B 37 1.04 14.00 20.07
C TYR B 37 1.39 15.44 19.75
N THR B 38 0.46 16.35 19.99
CA THR B 38 0.81 17.75 20.12
C THR B 38 0.84 18.04 21.62
N ALA B 39 1.68 18.99 22.01
CA ALA B 39 1.79 19.39 23.40
C ALA B 39 2.33 20.80 23.49
N MET B 40 2.38 21.35 24.68
CA MET B 40 2.93 22.68 24.84
C MET B 40 4.09 22.72 25.81
N ASP B 41 5.14 23.42 25.43
CA ASP B 41 6.25 23.70 26.34
C ASP B 41 5.72 24.56 27.49
N VAL B 42 5.90 24.08 28.72
CA VAL B 42 5.34 24.71 29.91
C VAL B 42 6.08 26.02 30.24
N ALA B 43 7.33 26.13 29.82
CA ALA B 43 8.13 27.31 30.16
C ALA B 43 8.01 28.41 29.11
N THR B 44 7.79 28.02 27.85
CA THR B 44 7.84 28.99 26.76
C THR B 44 6.53 29.16 26.01
N GLY B 45 5.62 28.20 26.19
CA GLY B 45 4.36 28.21 25.47
C GLY B 45 4.46 27.72 24.04
N GLN B 46 5.64 27.24 23.64
CA GLN B 46 5.82 26.74 22.29
C GLN B 46 5.01 25.48 22.11
N GLU B 47 4.27 25.39 20.99
CA GLU B 47 3.60 24.15 20.62
C GLU B 47 4.59 23.19 20.00
N VAL B 48 4.61 21.96 20.47
CA VAL B 48 5.48 20.93 19.92
C VAL B 48 4.74 19.69 19.42
N ALA B 49 5.39 18.95 18.53
CA ALA B 49 4.93 17.64 18.09
C ALA B 49 5.84 16.56 18.68
N ILE B 50 5.25 15.57 19.33
CA ILE B 50 6.07 14.59 20.05
C ILE B 50 5.74 13.18 19.57
N LYS B 51 6.71 12.52 18.97
CA LYS B 51 6.51 11.15 18.55
C LYS B 51 7.08 10.20 19.61
N GLN B 52 6.27 9.23 20.03
CA GLN B 52 6.65 8.25 21.03
C GLN B 52 6.89 6.89 20.39
N MET B 53 8.09 6.34 20.57
CA MET B 53 8.44 5.05 19.97
C MET B 53 8.98 4.06 20.97
N ASN B 54 8.41 2.86 21.01
CA ASN B 54 8.94 1.82 21.87
C ASN B 54 10.20 1.20 21.26
N LEU B 55 11.35 1.48 21.87
CA LEU B 55 12.62 1.00 21.36
C LEU B 55 12.74 -0.53 21.39
N GLN B 56 12.90 -1.08 22.58
CA GLN B 56 12.90 -2.54 22.75
C GLN B 56 11.46 -3.04 22.75
N GLN B 57 11.07 -3.76 21.71
CA GLN B 57 11.99 -4.15 20.64
C GLN B 57 11.51 -3.73 19.25
N GLN B 58 12.30 -2.87 18.62
CA GLN B 58 12.11 -2.53 17.21
C GLN B 58 13.42 -2.78 16.48
N PRO B 59 13.38 -3.60 15.42
CA PRO B 59 14.61 -3.90 14.67
C PRO B 59 15.15 -2.65 14.00
N LYS B 60 16.48 -2.59 13.85
CA LYS B 60 17.15 -1.42 13.27
C LYS B 60 16.77 -0.16 14.03
N LYS B 61 16.90 -0.22 15.35
CA LYS B 61 16.75 0.94 16.21
C LYS B 61 17.93 1.88 15.96
N GLU B 62 19.07 1.32 15.58
CA GLU B 62 20.29 2.08 15.31
C GLU B 62 20.07 3.13 14.23
N LEU B 63 19.23 2.81 13.26
CA LEU B 63 18.93 3.74 12.17
C LEU B 63 18.21 4.95 12.73
N ILE B 64 17.31 4.70 13.68
CA ILE B 64 16.52 5.74 14.28
C ILE B 64 17.38 6.68 15.12
N ILE B 65 18.27 6.12 15.93
CA ILE B 65 19.16 6.93 16.76
C ILE B 65 20.03 7.84 15.89
N ASN B 66 20.71 7.24 14.91
CA ASN B 66 21.57 8.01 14.01
C ASN B 66 20.79 9.10 13.28
N GLU B 67 19.59 8.75 12.80
CA GLU B 67 18.73 9.70 12.11
C GLU B 67 18.46 10.93 12.96
N ILE B 68 18.28 10.70 14.26
CA ILE B 68 18.05 11.80 15.18
C ILE B 68 19.32 12.63 15.37
N LEU B 69 20.45 11.95 15.50
CA LEU B 69 21.75 12.63 15.58
C LEU B 69 21.98 13.56 14.40
N VAL B 70 21.78 13.02 13.20
CA VAL B 70 21.95 13.78 11.97
C VAL B 70 21.04 14.99 11.98
N MET B 71 19.79 14.77 12.36
CA MET B 71 18.78 15.81 12.29
C MET B 71 19.09 16.98 13.23
N ARG B 72 19.68 16.70 14.38
CA ARG B 72 20.04 17.74 15.34
C ARG B 72 21.27 18.52 14.89
N GLU B 73 22.11 17.89 14.09
CA GLU B 73 23.31 18.54 13.58
C GLU B 73 23.01 19.44 12.39
N ASN B 74 22.19 18.94 11.48
CA ASN B 74 21.93 19.61 10.22
C ASN B 74 20.54 20.22 10.15
N LYS B 75 20.32 21.27 10.93
CA LYS B 75 19.04 21.97 10.88
C LYS B 75 18.98 22.87 9.64
N ASN B 76 17.76 23.26 9.26
CA ASN B 76 17.56 24.08 8.07
C ASN B 76 16.24 24.82 8.18
N PRO B 77 16.23 26.11 7.82
CA PRO B 77 15.01 26.91 7.97
C PRO B 77 13.81 26.27 7.29
N ASN B 78 14.03 25.49 6.24
CA ASN B 78 12.88 24.92 5.54
C ASN B 78 12.62 23.45 5.83
N ILE B 79 13.04 23.03 7.02
CA ILE B 79 12.83 21.67 7.45
C ILE B 79 12.39 21.71 8.88
N VAL B 80 11.29 21.03 9.18
CA VAL B 80 10.70 21.03 10.52
C VAL B 80 11.79 20.86 11.56
N ASN B 81 11.91 21.84 12.44
CA ASN B 81 12.99 21.88 13.42
C ASN B 81 12.86 20.79 14.50
N TYR B 82 13.91 19.98 14.66
CA TYR B 82 14.00 19.05 15.78
C TYR B 82 14.40 19.78 17.04
N LEU B 83 13.77 19.45 18.17
CA LEU B 83 13.99 20.20 19.42
C LEU B 83 14.77 19.42 20.48
N ASP B 84 14.29 18.22 20.81
CA ASP B 84 14.87 17.45 21.91
C ASP B 84 14.41 15.99 21.88
N SER B 85 15.14 15.13 22.58
CA SER B 85 14.71 13.74 22.74
C SER B 85 14.73 13.35 24.20
N TYR B 86 13.90 12.38 24.56
CA TYR B 86 13.81 11.89 25.92
C TYR B 86 13.65 10.38 25.93
N LEU B 87 14.31 9.73 26.89
CA LEU B 87 14.02 8.33 27.15
C LEU B 87 12.98 8.25 28.26
N VAL B 88 11.78 7.84 27.91
CA VAL B 88 10.70 7.72 28.89
C VAL B 88 10.38 6.24 29.06
N GLY B 89 10.93 5.63 30.11
CA GLY B 89 10.81 4.20 30.31
C GLY B 89 11.44 3.48 29.14
N ASP B 90 10.63 2.78 28.37
CA ASP B 90 11.15 2.07 27.19
C ASP B 90 10.98 2.87 25.92
N GLU B 91 10.13 3.89 25.99
CA GLU B 91 9.84 4.69 24.82
C GLU B 91 10.89 5.76 24.58
N LEU B 92 11.17 6.01 23.31
CA LEU B 92 11.93 7.19 22.92
C LEU B 92 10.96 8.27 22.49
N TRP B 93 11.00 9.42 23.16
CA TRP B 93 10.20 10.56 22.75
C TRP B 93 11.02 11.50 21.88
N VAL B 94 10.53 11.76 20.67
CA VAL B 94 11.17 12.75 19.81
C VAL B 94 10.28 14.01 19.72
N VAL B 95 10.85 15.14 20.12
CA VAL B 95 10.09 16.38 20.20
C VAL B 95 10.48 17.34 19.05
N MET B 96 9.51 17.62 18.19
CA MET B 96 9.70 18.56 17.08
C MET B 96 8.87 19.81 17.30
N GLU B 97 9.18 20.87 16.57
CA GLU B 97 8.31 22.05 16.61
C GLU B 97 7.01 21.67 15.94
N TYR B 98 5.91 22.27 16.39
CA TYR B 98 4.61 22.07 15.77
C TYR B 98 4.33 23.24 14.85
N LEU B 99 3.92 22.95 13.61
CA LEU B 99 3.55 23.98 12.65
C LEU B 99 2.06 23.98 12.54
N ALA B 100 1.41 24.98 13.14
CA ALA B 100 -0.03 24.93 13.35
C ALA B 100 -0.82 25.35 12.11
N GLY B 101 -0.14 25.76 11.04
CA GLY B 101 -0.82 26.08 9.81
C GLY B 101 -1.33 24.85 9.09
N GLY B 102 -0.89 23.67 9.52
CA GLY B 102 -1.34 22.45 8.89
C GLY B 102 -0.56 22.09 7.63
N SER B 103 -1.08 21.14 6.86
CA SER B 103 -0.42 20.65 5.64
C SER B 103 -0.79 21.49 4.44
N LEU B 104 0.04 21.45 3.42
CA LEU B 104 -0.28 22.11 2.16
C LEU B 104 -1.52 21.45 1.52
N THR B 105 -1.70 20.15 1.74
CA THR B 105 -2.83 19.42 1.15
C THR B 105 -4.17 20.12 1.42
N ASP B 106 -4.38 20.50 2.67
CA ASP B 106 -5.61 21.18 3.06
C ASP B 106 -5.76 22.52 2.36
N VAL B 107 -4.65 23.25 2.21
CA VAL B 107 -4.70 24.56 1.52
C VAL B 107 -5.00 24.34 0.05
N VAL B 108 -4.37 23.32 -0.54
CA VAL B 108 -4.60 23.02 -1.95
C VAL B 108 -6.07 22.69 -2.24
N THR B 109 -6.67 21.84 -1.41
CA THR B 109 -8.04 21.39 -1.66
C THR B 109 -9.10 22.44 -1.32
N GLU B 110 -8.84 23.30 -0.33
CA GLU B 110 -9.88 24.23 0.15
C GLU B 110 -9.77 25.67 -0.38
N THR B 111 -8.73 25.94 -1.17
CA THR B 111 -8.53 27.24 -1.80
C THR B 111 -8.09 27.03 -3.24
N CYS B 112 -8.21 28.06 -4.10
CA CYS B 112 -7.44 28.03 -5.34
C CYS B 112 -6.23 28.93 -5.16
N MET B 113 -5.05 28.33 -5.12
CA MET B 113 -3.78 29.05 -4.98
C MET B 113 -3.52 29.84 -6.26
N ASP B 114 -2.96 31.05 -6.15
CA ASP B 114 -2.57 31.77 -7.36
C ASP B 114 -1.08 31.53 -7.62
N GLU B 115 -0.61 31.85 -8.82
CA GLU B 115 0.74 31.48 -9.22
C GLU B 115 1.80 32.10 -8.33
N GLY B 116 1.54 33.29 -7.83
CA GLY B 116 2.48 33.93 -6.91
C GLY B 116 2.62 33.17 -5.59
N GLN B 117 1.53 32.62 -5.09
CA GLN B 117 1.58 31.79 -3.87
C GLN B 117 2.26 30.46 -4.19
N ILE B 118 1.95 29.90 -5.35
CA ILE B 118 2.57 28.63 -5.74
C ILE B 118 4.08 28.79 -5.87
N ALA B 119 4.52 29.87 -6.53
CA ALA B 119 5.94 30.19 -6.66
C ALA B 119 6.64 30.29 -5.31
N ALA B 120 5.97 30.88 -4.33
CA ALA B 120 6.56 31.05 -3.01
C ALA B 120 6.73 29.68 -2.33
N VAL B 121 5.75 28.81 -2.45
CA VAL B 121 5.87 27.47 -1.85
C VAL B 121 6.98 26.69 -2.53
N CYS B 122 7.02 26.76 -3.86
CA CYS B 122 8.04 26.09 -4.64
C CYS B 122 9.46 26.52 -4.26
N ARG B 123 9.63 27.82 -4.03
CA ARG B 123 10.96 28.33 -3.71
C ARG B 123 11.44 27.81 -2.37
N GLU B 124 10.56 27.83 -1.37
CA GLU B 124 10.90 27.35 -0.04
C GLU B 124 11.26 25.86 -0.06
N CYS B 125 10.43 25.06 -0.72
CA CYS B 125 10.73 23.65 -0.93
C CYS B 125 12.07 23.42 -1.64
N LEU B 126 12.34 24.25 -2.64
CA LEU B 126 13.58 24.16 -3.40
C LEU B 126 14.79 24.46 -2.54
N GLN B 127 14.65 25.44 -1.64
CA GLN B 127 15.71 25.77 -0.70
C GLN B 127 16.01 24.57 0.23
N ALA B 128 14.96 23.89 0.68
CA ALA B 128 15.15 22.69 1.52
C ALA B 128 15.82 21.55 0.74
N LEU B 129 15.42 21.38 -0.52
CA LEU B 129 15.96 20.32 -1.36
C LEU B 129 17.43 20.58 -1.70
N GLU B 130 17.79 21.82 -2.01
CA GLU B 130 19.20 22.16 -2.25
C GLU B 130 20.03 21.75 -1.04
N PHE B 131 19.53 22.09 0.14
CA PHE B 131 20.19 21.68 1.38
C PHE B 131 20.31 20.16 1.48
N LEU B 132 19.22 19.45 1.23
CA LEU B 132 19.24 17.98 1.34
C LEU B 132 20.15 17.37 0.28
N HIS B 133 20.08 17.88 -0.94
CA HIS B 133 20.83 17.32 -2.06
C HIS B 133 22.33 17.58 -1.97
N SER B 134 22.71 18.73 -1.45
CA SER B 134 24.14 19.00 -1.23
C SER B 134 24.73 17.91 -0.34
N ASN B 135 24.01 17.57 0.73
CA ASN B 135 24.45 16.53 1.66
C ASN B 135 24.12 15.11 1.18
N GLN B 136 23.79 14.97 -0.11
CA GLN B 136 23.49 13.68 -0.73
C GLN B 136 22.27 12.95 -0.15
N VAL B 137 21.31 13.71 0.39
CA VAL B 137 20.07 13.11 0.91
C VAL B 137 18.91 13.24 -0.08
N ILE B 138 18.32 12.11 -0.45
CA ILE B 138 17.12 12.13 -1.27
C ILE B 138 15.88 11.99 -0.39
N HIS B 139 14.92 12.91 -0.54
CA HIS B 139 13.73 12.89 0.31
C HIS B 139 12.80 11.74 -0.05
N ARG B 140 12.48 11.61 -1.35
CA ARG B 140 11.63 10.55 -1.91
C ARG B 140 10.14 10.74 -1.75
N ASN B 141 9.72 11.54 -0.78
CA ASN B 141 8.28 11.74 -0.62
C ASN B 141 7.87 13.22 -0.60
N ILE B 142 8.26 13.93 -1.66
CA ILE B 142 7.88 15.33 -1.82
C ILE B 142 6.45 15.37 -2.36
N LYS B 143 5.52 15.59 -1.45
CA LYS B 143 4.11 15.69 -1.81
C LYS B 143 3.41 16.59 -0.80
N SER B 144 2.23 17.10 -1.17
CA SER B 144 1.56 18.13 -0.37
C SER B 144 1.35 17.75 1.11
N ASP B 145 1.09 16.49 1.44
CA ASP B 145 0.79 16.25 2.85
C ASP B 145 2.08 16.14 3.67
N ASN B 146 3.23 16.23 3.01
CA ASN B 146 4.50 16.32 3.74
C ASN B 146 5.11 17.74 3.75
N ILE B 147 4.34 18.72 3.32
CA ILE B 147 4.74 20.11 3.49
C ILE B 147 3.90 20.71 4.62
N LEU B 148 4.56 21.27 5.63
CA LEU B 148 3.86 21.89 6.76
C LEU B 148 3.97 23.41 6.75
N LEU B 149 2.93 24.07 7.23
CA LEU B 149 2.82 25.53 7.15
C LEU B 149 2.85 26.18 8.54
N GLY B 150 3.68 27.19 8.73
CA GLY B 150 3.67 27.93 9.97
C GLY B 150 2.59 29.01 9.91
N MET B 151 2.21 29.55 11.07
CA MET B 151 1.15 30.52 11.11
C MET B 151 1.62 31.85 10.54
N ASP B 152 2.93 31.99 10.36
CA ASP B 152 3.51 33.17 9.73
C ASP B 152 3.72 32.96 8.22
N GLY B 153 3.26 31.82 7.71
CA GLY B 153 3.44 31.53 6.31
C GLY B 153 4.70 30.75 5.95
N SER B 154 5.43 30.27 6.94
CA SER B 154 6.67 29.57 6.66
C SER B 154 6.34 28.19 6.11
N VAL B 155 7.23 27.70 5.24
CA VAL B 155 7.00 26.47 4.51
C VAL B 155 8.13 25.48 4.83
N LYS B 156 7.79 24.31 5.36
CA LYS B 156 8.85 23.39 5.80
C LYS B 156 8.56 21.94 5.45
N LEU B 157 9.59 21.26 4.99
CA LEU B 157 9.52 19.83 4.78
C LEU B 157 9.38 19.07 6.08
N THR B 158 8.58 18.01 6.05
CA THR B 158 8.61 16.98 7.09
C THR B 158 8.87 15.61 6.43
N ASP B 159 9.13 14.62 7.25
CA ASP B 159 10.33 13.84 7.04
C ASP B 159 10.46 12.68 6.06
N PHE B 160 11.72 12.26 6.03
CA PHE B 160 12.31 11.50 4.96
C PHE B 160 12.75 10.23 5.66
N GLY B 161 11.78 9.59 6.31
CA GLY B 161 12.01 8.53 7.27
C GLY B 161 11.91 7.10 6.77
N PHE B 162 10.89 6.78 5.96
CA PHE B 162 10.61 5.41 5.48
C PHE B 162 10.81 4.31 6.54
N GLN B 170 6.89 -3.71 0.78
CA GLN B 170 7.11 -3.26 -0.60
C GLN B 170 7.37 -4.44 -1.52
N SER B 171 6.64 -5.54 -1.30
CA SER B 171 6.90 -6.78 -2.01
C SER B 171 6.40 -6.76 -3.44
N LYS B 172 7.14 -7.40 -4.34
CA LYS B 172 6.64 -7.65 -5.70
C LYS B 172 5.35 -8.44 -5.64
N ARG B 173 5.19 -9.26 -4.61
CA ARG B 173 4.02 -10.12 -4.48
C ARG B 173 2.80 -9.41 -3.90
N SER B 174 3.01 -8.26 -3.26
CA SER B 174 1.90 -7.49 -2.68
C SER B 174 1.20 -6.63 -3.73
N GLU B 175 -0.03 -6.25 -3.42
CA GLU B 175 -0.81 -5.37 -4.28
C GLU B 175 -0.45 -3.93 -3.99
N MET B 176 -0.54 -3.09 -5.02
CA MET B 176 -0.34 -1.67 -4.83
C MET B 176 -1.59 -1.04 -4.23
N VAL B 177 -1.45 -0.50 -3.02
CA VAL B 177 -2.56 0.16 -2.36
C VAL B 177 -2.75 1.58 -2.91
N GLY B 178 -1.81 2.46 -2.59
CA GLY B 178 -1.96 3.85 -3.00
C GLY B 178 -1.36 4.08 -4.36
N THR B 179 -1.80 5.14 -5.01
CA THR B 179 -1.17 5.56 -6.25
C THR B 179 0.02 6.45 -5.92
N PRO B 180 1.25 6.01 -6.29
CA PRO B 180 2.41 6.86 -6.00
C PRO B 180 2.53 7.97 -7.05
N TYR B 181 1.59 8.93 -7.00
CA TYR B 181 1.49 9.91 -8.06
C TYR B 181 2.70 10.83 -8.11
N TRP B 182 3.44 10.92 -7.01
CA TRP B 182 4.57 11.85 -6.94
C TRP B 182 5.89 11.30 -7.53
N MET B 183 5.92 10.00 -7.80
CA MET B 183 7.20 9.35 -8.16
C MET B 183 7.68 9.57 -9.59
N ALA B 184 8.97 9.87 -9.72
CA ALA B 184 9.59 10.09 -11.03
C ALA B 184 9.59 8.79 -11.86
N PRO B 185 9.56 8.90 -13.20
CA PRO B 185 9.54 7.70 -14.04
C PRO B 185 10.69 6.74 -13.70
N GLU B 186 11.89 7.27 -13.46
CA GLU B 186 13.05 6.42 -13.17
C GLU B 186 12.92 5.64 -11.85
N VAL B 187 12.02 6.10 -10.98
CA VAL B 187 11.75 5.42 -9.71
C VAL B 187 10.81 4.25 -9.91
N VAL B 188 9.78 4.45 -10.71
CA VAL B 188 8.77 3.41 -10.90
C VAL B 188 9.24 2.32 -11.85
N THR B 189 10.19 2.67 -12.71
CA THR B 189 10.86 1.69 -13.56
C THR B 189 12.07 1.16 -12.79
N ARG B 190 11.91 1.15 -11.46
CA ARG B 190 12.86 0.65 -10.45
C ARG B 190 14.35 0.76 -10.81
N LYS B 191 14.68 1.73 -11.64
CA LYS B 191 16.06 2.05 -11.93
C LYS B 191 16.73 2.63 -10.69
N ALA B 192 18.06 2.61 -10.66
CA ALA B 192 18.80 3.41 -9.70
C ALA B 192 18.48 4.86 -9.98
N TYR B 193 18.24 5.63 -8.93
CA TYR B 193 17.86 7.02 -9.10
C TYR B 193 18.60 7.96 -8.15
N GLY B 194 18.53 9.25 -8.47
CA GLY B 194 19.23 10.26 -7.70
C GLY B 194 18.29 11.32 -7.15
N PRO B 195 18.87 12.35 -6.54
CA PRO B 195 18.20 13.50 -5.93
C PRO B 195 17.15 14.15 -6.82
N LYS B 196 17.30 14.02 -8.13
CA LYS B 196 16.38 14.71 -9.03
C LYS B 196 15.01 14.05 -9.07
N VAL B 197 14.85 12.89 -8.42
CA VAL B 197 13.52 12.35 -8.26
C VAL B 197 12.68 13.32 -7.40
N ASP B 198 13.35 14.08 -6.52
CA ASP B 198 12.69 15.05 -5.66
C ASP B 198 12.21 16.24 -6.48
N ILE B 199 13.04 16.64 -7.46
CA ILE B 199 12.68 17.71 -8.38
C ILE B 199 11.43 17.30 -9.15
N TRP B 200 11.37 16.04 -9.55
CA TRP B 200 10.19 15.54 -10.25
C TRP B 200 8.96 15.69 -9.38
N SER B 201 9.03 15.15 -8.17
CA SER B 201 7.89 15.20 -7.26
C SER B 201 7.39 16.64 -7.02
N LEU B 202 8.34 17.57 -6.95
CA LEU B 202 8.01 18.98 -6.73
C LEU B 202 7.19 19.52 -7.89
N GLY B 203 7.58 19.14 -9.10
CA GLY B 203 6.82 19.48 -10.29
C GLY B 203 5.40 18.94 -10.24
N ILE B 204 5.27 17.69 -9.80
CA ILE B 204 3.96 17.08 -9.59
C ILE B 204 3.19 17.86 -8.53
N MET B 205 3.89 18.33 -7.50
CA MET B 205 3.23 19.02 -6.40
C MET B 205 2.70 20.39 -6.85
N ALA B 206 3.44 21.05 -7.74
CA ALA B 206 3.04 22.35 -8.31
C ALA B 206 1.81 22.21 -9.19
N ILE B 207 1.75 21.10 -9.90
CA ILE B 207 0.58 20.76 -10.69
C ILE B 207 -0.61 20.58 -9.77
N GLU B 208 -0.41 19.81 -8.70
CA GLU B 208 -1.43 19.63 -7.69
C GLU B 208 -1.93 20.96 -7.12
N MET B 209 -1.00 21.87 -6.86
CA MET B 209 -1.39 23.18 -6.32
C MET B 209 -2.27 23.96 -7.27
N ILE B 210 -1.95 24.00 -8.56
CA ILE B 210 -2.75 24.84 -9.49
C ILE B 210 -4.01 24.11 -9.90
N GLU B 211 -4.00 22.78 -9.89
CA GLU B 211 -5.20 22.02 -10.27
C GLU B 211 -6.12 21.70 -9.09
N GLY B 212 -5.62 21.84 -7.87
CA GLY B 212 -6.42 21.60 -6.69
C GLY B 212 -6.55 20.14 -6.24
N GLU B 213 -5.80 19.23 -6.86
CA GLU B 213 -5.85 17.81 -6.50
C GLU B 213 -4.67 17.05 -7.10
N PRO B 214 -4.30 15.91 -6.51
CA PRO B 214 -3.21 15.15 -7.12
C PRO B 214 -3.60 14.59 -8.49
N PRO B 215 -2.64 14.52 -9.43
CA PRO B 215 -2.88 13.89 -10.73
C PRO B 215 -3.12 12.38 -10.57
N TYR B 216 -3.75 11.75 -11.57
CA TYR B 216 -4.04 10.30 -11.57
C TYR B 216 -5.11 9.90 -10.54
N LEU B 217 -5.87 10.88 -10.08
CA LEU B 217 -6.91 10.66 -9.09
C LEU B 217 -7.96 9.65 -9.57
N ASN B 218 -8.20 9.64 -10.87
CA ASN B 218 -9.19 8.75 -11.46
C ASN B 218 -8.66 7.35 -11.72
N GLU B 219 -7.37 7.26 -12.05
CA GLU B 219 -6.75 6.02 -12.52
C GLU B 219 -6.54 4.99 -11.42
N ASN B 220 -6.66 3.71 -11.80
CA ASN B 220 -6.18 2.63 -10.95
C ASN B 220 -4.68 2.76 -10.82
N PRO B 221 -4.13 2.37 -9.66
CA PRO B 221 -2.70 2.50 -9.38
C PRO B 221 -1.78 1.91 -10.43
N LEU B 222 -2.10 0.71 -10.95
CA LEU B 222 -1.21 0.05 -11.90
C LEU B 222 -1.25 0.78 -13.23
N ARG B 223 -2.41 1.33 -13.55
CA ARG B 223 -2.58 2.13 -14.75
C ARG B 223 -1.77 3.44 -14.61
N ALA B 224 -1.88 4.10 -13.47
CA ALA B 224 -1.07 5.30 -13.19
C ALA B 224 0.44 4.97 -13.26
N LEU B 225 0.82 3.82 -12.71
CA LEU B 225 2.20 3.35 -12.81
C LEU B 225 2.69 3.31 -14.25
N TYR B 226 1.88 2.76 -15.15
CA TYR B 226 2.25 2.71 -16.55
C TYR B 226 2.41 4.12 -17.14
N LEU B 227 1.45 4.99 -16.84
CA LEU B 227 1.46 6.36 -17.32
C LEU B 227 2.70 7.09 -16.87
N ILE B 228 2.98 7.01 -15.57
CA ILE B 228 4.16 7.67 -15.03
C ILE B 228 5.42 7.18 -15.75
N ALA B 229 5.52 5.88 -15.96
CA ALA B 229 6.71 5.28 -16.57
C ALA B 229 6.83 5.63 -18.05
N THR B 230 5.70 5.81 -18.73
CA THR B 230 5.70 6.08 -20.16
C THR B 230 5.33 7.52 -20.51
N ASN B 231 4.18 7.97 -20.04
CA ASN B 231 3.53 9.17 -20.57
C ASN B 231 4.15 10.50 -20.16
N GLY B 232 4.83 10.57 -19.01
CA GLY B 232 5.45 11.80 -18.55
C GLY B 232 6.28 12.47 -19.66
N THR B 233 6.25 13.80 -19.82
CA THR B 233 5.54 14.81 -19.01
C THR B 233 4.03 14.59 -18.81
N PRO B 234 3.59 14.52 -17.54
CA PRO B 234 2.19 14.32 -17.13
C PRO B 234 1.22 15.32 -17.75
N GLU B 235 -0.05 14.94 -17.83
CA GLU B 235 -1.04 15.67 -18.60
C GLU B 235 -1.71 16.77 -17.80
N LEU B 236 -1.46 18.02 -18.18
CA LEU B 236 -2.17 19.14 -17.58
C LEU B 236 -3.63 19.05 -17.97
N GLN B 237 -4.52 19.15 -16.98
CA GLN B 237 -5.95 19.14 -17.25
C GLN B 237 -6.38 20.35 -18.09
N ASN B 238 -6.01 21.54 -17.64
CA ASN B 238 -6.28 22.75 -18.41
C ASN B 238 -5.03 23.59 -18.59
N PRO B 239 -4.17 23.19 -19.54
CA PRO B 239 -2.85 23.81 -19.71
C PRO B 239 -2.92 25.26 -20.16
N GLU B 240 -4.09 25.67 -20.62
CA GLU B 240 -4.29 27.04 -21.10
C GLU B 240 -4.33 28.03 -19.94
N LYS B 241 -4.71 27.55 -18.76
CA LYS B 241 -4.88 28.41 -17.59
C LYS B 241 -3.56 28.74 -16.87
N LEU B 242 -2.45 28.22 -17.41
CA LEU B 242 -1.14 28.41 -16.78
C LEU B 242 -0.33 29.43 -17.57
N SER B 243 0.40 30.30 -16.86
CA SER B 243 1.26 31.29 -17.51
C SER B 243 2.40 30.59 -18.23
N ALA B 244 2.98 31.30 -19.21
CA ALA B 244 4.15 30.80 -19.94
C ALA B 244 5.30 30.45 -19.01
N ILE B 245 5.55 31.31 -18.03
CA ILE B 245 6.73 31.16 -17.19
C ILE B 245 6.52 30.01 -16.18
N PHE B 246 5.27 29.82 -15.74
CA PHE B 246 4.90 28.68 -14.90
C PHE B 246 5.07 27.38 -15.67
N ARG B 247 4.55 27.31 -16.89
CA ARG B 247 4.65 26.09 -17.69
C ARG B 247 6.10 25.72 -18.00
N ASP B 248 6.97 26.73 -18.15
CA ASP B 248 8.38 26.42 -18.40
C ASP B 248 9.03 25.80 -17.16
N PHE B 249 8.75 26.36 -15.99
CA PHE B 249 9.19 25.79 -14.72
C PHE B 249 8.71 24.34 -14.57
N LEU B 250 7.43 24.08 -14.86
CA LEU B 250 6.94 22.70 -14.81
C LEU B 250 7.71 21.79 -15.77
N ASN B 251 7.95 22.25 -16.99
CA ASN B 251 8.71 21.43 -17.95
C ASN B 251 10.12 21.10 -17.48
N ARG B 252 10.76 22.07 -16.82
CA ARG B 252 12.11 21.86 -16.31
C ARG B 252 12.14 20.88 -15.13
N CYS B 253 11.03 20.78 -14.40
CA CYS B 253 10.90 19.86 -13.26
C CYS B 253 10.54 18.46 -13.72
N LEU B 254 9.75 18.39 -14.79
CA LEU B 254 9.17 17.14 -15.25
C LEU B 254 9.85 16.67 -16.53
N GLU B 255 11.14 16.92 -16.63
CA GLU B 255 11.95 16.44 -17.73
C GLU B 255 12.23 14.95 -17.52
N MET B 256 11.82 14.13 -18.46
CA MET B 256 12.03 12.69 -18.35
C MET B 256 13.51 12.32 -18.40
N ASP B 257 14.28 13.07 -19.17
CA ASP B 257 15.73 12.95 -19.20
C ASP B 257 16.32 13.49 -17.90
N VAL B 258 16.79 12.60 -17.03
CA VAL B 258 17.27 12.98 -15.70
C VAL B 258 18.39 14.03 -15.76
N GLU B 259 19.26 13.94 -16.77
CA GLU B 259 20.35 14.91 -16.91
C GLU B 259 19.85 16.29 -17.35
N LYS B 260 18.76 16.31 -18.12
CA LYS B 260 18.20 17.56 -18.61
C LYS B 260 17.28 18.17 -17.54
N ARG B 261 16.79 17.34 -16.62
CA ARG B 261 15.99 17.80 -15.49
C ARG B 261 16.81 18.76 -14.62
N GLY B 262 16.20 19.87 -14.20
CA GLY B 262 16.90 20.83 -13.38
C GLY B 262 17.34 20.23 -12.05
N SER B 263 18.40 20.79 -11.49
CA SER B 263 18.74 20.51 -10.11
C SER B 263 18.01 21.52 -9.22
N ALA B 264 18.06 21.29 -7.91
CA ALA B 264 17.47 22.23 -6.96
C ALA B 264 18.17 23.56 -7.14
N LYS B 265 19.49 23.50 -7.24
CA LYS B 265 20.31 24.70 -7.36
C LYS B 265 20.00 25.48 -8.64
N GLU B 266 19.83 24.79 -9.75
CA GLU B 266 19.50 25.47 -11.01
C GLU B 266 18.11 26.10 -10.97
N LEU B 267 17.14 25.36 -10.42
CA LEU B 267 15.75 25.80 -10.41
C LEU B 267 15.51 26.95 -9.43
N LEU B 268 16.34 27.06 -8.40
CA LEU B 268 16.27 28.21 -7.50
C LEU B 268 16.52 29.52 -8.26
N GLN B 269 17.13 29.40 -9.44
CA GLN B 269 17.38 30.56 -10.32
C GLN B 269 16.27 30.81 -11.35
N HIS B 270 15.27 29.94 -11.38
CA HIS B 270 14.28 30.02 -12.46
C HIS B 270 13.38 31.26 -12.34
N GLN B 271 13.00 31.85 -13.48
CA GLN B 271 12.25 33.12 -13.49
C GLN B 271 10.89 33.04 -12.80
N PHE B 272 10.26 31.86 -12.87
CA PHE B 272 8.97 31.65 -12.21
C PHE B 272 9.02 31.95 -10.70
N LEU B 273 10.11 31.61 -10.05
CA LEU B 273 10.21 31.88 -8.62
C LEU B 273 10.20 33.38 -8.30
N LYS B 274 10.52 34.21 -9.30
CA LYS B 274 10.63 35.65 -9.06
C LYS B 274 9.27 36.36 -9.01
N ILE B 275 8.19 35.66 -9.37
CA ILE B 275 6.88 36.24 -9.14
C ILE B 275 6.38 35.85 -7.75
N ALA B 276 7.21 35.22 -6.94
CA ALA B 276 6.73 34.77 -5.61
C ALA B 276 6.17 35.91 -4.77
N LYS B 277 4.97 35.69 -4.21
CA LYS B 277 4.42 36.61 -3.21
C LYS B 277 5.12 36.43 -1.87
N PRO B 278 5.06 37.44 -0.99
CA PRO B 278 5.61 37.23 0.36
C PRO B 278 4.91 36.06 1.04
N LEU B 279 5.58 35.40 1.97
CA LEU B 279 5.02 34.20 2.59
C LEU B 279 3.81 34.55 3.44
N SER B 280 3.69 35.82 3.82
CA SER B 280 2.53 36.29 4.56
C SER B 280 1.25 36.07 3.75
N SER B 281 1.37 35.99 2.42
CA SER B 281 0.22 35.74 1.53
C SER B 281 -0.37 34.36 1.70
N LEU B 282 0.35 33.48 2.40
CA LEU B 282 -0.13 32.13 2.61
C LEU B 282 -1.06 32.04 3.81
N THR B 283 -0.98 32.98 4.75
CA THR B 283 -1.78 32.87 5.97
C THR B 283 -3.30 33.04 5.77
N PRO B 284 -3.75 33.85 4.77
CA PRO B 284 -5.20 33.81 4.48
C PRO B 284 -5.62 32.44 3.95
N LEU B 285 -4.73 31.77 3.24
CA LEU B 285 -5.01 30.41 2.75
C LEU B 285 -5.17 29.46 3.94
N ILE B 286 -4.29 29.59 4.92
CA ILE B 286 -4.39 28.78 6.13
C ILE B 286 -5.73 29.04 6.85
N ALA B 287 -6.06 30.32 7.04
CA ALA B 287 -7.34 30.70 7.63
C ALA B 287 -8.50 30.01 6.90
N ALA B 288 -8.47 30.04 5.57
CA ALA B 288 -9.50 29.41 4.76
C ALA B 288 -9.60 27.90 4.94
N ALA B 289 -8.46 27.21 4.87
CA ALA B 289 -8.46 25.76 5.01
C ALA B 289 -8.99 25.35 6.38
N LYS B 290 -8.54 26.05 7.41
CA LYS B 290 -9.02 25.78 8.78
C LYS B 290 -10.51 26.03 8.96
N GLU B 291 -11.03 27.06 8.29
CA GLU B 291 -12.46 27.33 8.36
C GLU B 291 -13.26 26.24 7.63
N ALA B 292 -12.76 25.84 6.46
CA ALA B 292 -13.44 24.86 5.62
C ALA B 292 -13.48 23.49 6.28
N THR B 293 -12.44 23.16 7.03
CA THR B 293 -12.39 21.86 7.68
C THR B 293 -13.15 21.91 9.01
N LYS B 294 -12.65 22.71 9.96
CA LYS B 294 -13.36 23.00 11.22
C LYS B 294 -13.86 21.76 11.96
N3 59T C . -10.66 -8.91 6.67
C4 59T C . -10.95 -10.17 6.42
C5 59T C . -12.19 -10.51 5.90
C6 59T C . -13.11 -9.50 5.65
C7 59T C . -12.75 -8.18 5.92
C8 59T C . -9.93 -11.21 6.72
C10 59T C . -8.37 -12.14 8.32
C13 59T C . -9.57 -12.20 5.81
C15 59T C . -5.56 -13.74 7.68
C20 59T C . -4.16 -18.06 8.74
C22 59T C . -6.44 -17.72 8.66
C24 59T C . -7.27 -15.46 8.07
C26 59T C . -1.74 -18.33 8.82
C28 59T C . -2.85 -13.88 6.34
C1 59T C . -11.09 -6.51 6.74
C2 59T C . -11.51 -7.92 6.43
C9 59T C . -9.32 -11.19 7.97
C11 59T C . -8.01 -13.14 7.41
C12 59T C . -8.62 -13.15 6.15
C14 59T C . -6.97 -14.15 7.74
O16 59T C . -5.29 -12.58 7.42
N17 59T C . -4.56 -14.64 7.88
C18 59T C . -4.86 -15.94 8.20
N19 59T C . -3.88 -16.80 8.43
N21 59T C . -5.41 -18.52 8.86
C23 59T C . -6.21 -16.37 8.32
N25 59T C . -3.09 -18.90 8.96
C27 59T C . -3.16 -14.21 7.80
O30 59T C . -1.48 -13.48 6.17
C31 59T C . -1.18 -13.06 4.84
C32 59T C . -1.49 -14.20 3.87
C34 59T C . -2.93 -14.66 4.10
O35 59T C . -3.11 -15.00 5.49
N36 59T C . -1.35 -13.71 2.49
CL1 59T C . -7.64 -12.07 9.89
N3 59T D . 10.48 11.24 13.79
C4 59T D . 10.70 12.50 13.42
C5 59T D . 11.99 12.92 13.11
C6 59T D . 13.04 12.01 13.20
C7 59T D . 12.78 10.72 13.61
C8 59T D . 9.53 13.42 13.31
C10 59T D . 7.46 14.22 14.24
C13 59T D . 9.40 14.29 12.24
C15 59T D . 4.86 15.39 12.67
C20 59T D . 2.77 19.55 12.42
C22 59T D . 4.99 19.52 13.04
C24 59T D . 6.19 17.36 13.17
C26 59T D . 0.47 19.59 11.55
C28 59T D . 2.61 14.81 10.64
C1 59T D . 11.20 8.95 14.31
C2 59T D . 11.48 10.36 13.89
C9 59T D . 8.55 13.38 14.30
C11 59T D . 7.31 15.11 13.17
C12 59T D . 8.30 15.13 12.16
C14 59T D . 6.14 16.01 13.03
O16 59T D . 4.82 14.17 12.59
N17 59T D . 3.76 16.11 12.41
C18 59T D . 3.80 17.48 12.53
N19 59T D . 2.72 18.23 12.30
N21 59T D . 3.86 20.19 12.79
C23 59T D . 5.00 18.12 12.93
N25 59T D . 1.61 20.27 12.16
C27 59T D . 2.50 15.44 12.05
O30 59T D . 1.41 14.15 10.25
C31 59T D . 1.47 13.50 8.97
C32 59T D . 1.91 14.48 7.87
C34 59T D . 3.16 15.23 8.35
O35 59T D . 2.94 15.78 9.66
N36 59T D . 2.25 13.74 6.65
CL1 59T D . 6.28 14.13 15.50
#